data_9MQW
#
_entry.id   9MQW
#
_cell.length_a   137.320
_cell.length_b   137.320
_cell.length_c   155.516
_cell.angle_alpha   90.00
_cell.angle_beta   90.00
_cell.angle_gamma   90.00
#
_symmetry.space_group_name_H-M   'I 4 2 2'
#
loop_
_entity.id
_entity.type
_entity.pdbx_description
1 polymer Neuraminidase
2 branched 2-acetamido-2-deoxy-beta-D-glucopyranose-(1-4)-2-acetamido-2-deoxy-beta-D-glucopyranose
3 branched alpha-D-mannopyranose-(1-2)-alpha-D-mannopyranose-(1-2)-alpha-D-mannopyranose-(1-3)-[alpha-D-mannopyranose-(1-3)-[alpha-D-mannopyranose-(1-6)]alpha-D-mannopyranose-(1-6)]beta-D-mannopyranose-(1-4)-2-acetamido-2-deoxy-beta-D-glucopyranose-(1-4)-2-acetamido-2-deoxy-beta-D-glucopyranose
4 non-polymer 'CALCIUM ION'
5 non-polymer 'SULFATE ION'
6 non-polymer 2-acetamido-2-deoxy-beta-D-glucopyranose
7 water water
#
_entity_poly.entity_id   1
_entity_poly.type   'polypeptide(L)'
_entity_poly.pdbx_seq_one_letter_code
;GSPSRSGAEYRNWSKPQCGITGFAPFSKDNSIRLSAGGDIWVTREPYVSCDPDKCYQFALGQGTTLNNVHSNNTVRDRTP
YRTLLMNELGVPFHLGTKQVCIAWSSSSCHDGKAWLHVCITGDDKNATASFIYNGRLIDSVVSWSKDILRTQESECVCIN
GTCTVVMTDGNATGKADTKILFIEEGKIVHTSKLSGSAQHVEECSCYPRYPGVRCVCRDNWKGSNRPIVDINIKDHSIVS
SYVCSGLVGDTPRKNDSSSSSHCLNPNNEEGGHGVKGWAFDDGNDVWMGRTINETSRLGYETFKVVEGWSNPKSKLQINR
QVIVDRGDRSGYSGIFSVEGKSCINRCFYVELIRGRKEETEVLWTSNSIVVFCGTSGTYGTGSWPDGADLNLMHI
;
_entity_poly.pdbx_strand_id   A
#
loop_
_chem_comp.id
_chem_comp.type
_chem_comp.name
_chem_comp.formula
BMA D-saccharide, beta linking beta-D-mannopyranose 'C6 H12 O6'
CA non-polymer 'CALCIUM ION' 'Ca 2'
MAN D-saccharide, alpha linking alpha-D-mannopyranose 'C6 H12 O6'
NAG D-saccharide, beta linking 2-acetamido-2-deoxy-beta-D-glucopyranose 'C8 H15 N O6'
SO4 non-polymer 'SULFATE ION' 'O4 S -2'
#
# COMPACT_ATOMS: atom_id res chain seq x y z
N ALA A 8 -0.70 -28.18 6.65
CA ALA A 8 -0.27 -26.79 6.47
C ALA A 8 -0.02 -26.11 7.81
N GLU A 9 0.94 -25.19 7.82
CA GLU A 9 1.43 -24.58 9.05
C GLU A 9 1.28 -23.06 8.98
N TYR A 10 1.19 -22.43 10.15
CA TYR A 10 1.18 -20.97 10.21
C TYR A 10 2.52 -20.43 9.74
N ARG A 11 2.47 -19.27 9.10
CA ARG A 11 3.69 -18.55 8.76
C ARG A 11 4.29 -17.88 10.00
N ASN A 12 5.62 -17.90 10.07
CA ASN A 12 6.35 -17.18 11.12
C ASN A 12 7.26 -16.08 10.58
N TRP A 13 7.59 -16.12 9.29
CA TRP A 13 8.54 -15.17 8.68
C TRP A 13 9.84 -15.08 9.48
N SER A 14 10.24 -16.18 10.10
CA SER A 14 11.42 -16.19 10.95
C SER A 14 12.69 -16.49 10.15
N LYS A 15 12.88 -15.77 9.06
CA LYS A 15 14.09 -15.86 8.26
C LYS A 15 14.66 -14.46 8.08
N PRO A 16 15.94 -14.36 7.75
CA PRO A 16 16.53 -13.03 7.53
C PRO A 16 16.04 -12.44 6.22
N GLN A 17 15.98 -11.12 6.19
CA GLN A 17 15.71 -10.41 4.95
C GLN A 17 16.79 -10.74 3.92
N CYS A 18 16.38 -10.94 2.66
CA CYS A 18 17.34 -11.27 1.63
C CYS A 18 18.22 -10.06 1.29
N GLY A 19 19.45 -10.35 0.89
CA GLY A 19 20.34 -9.32 0.37
C GLY A 19 19.73 -8.68 -0.85
N ILE A 20 19.76 -7.35 -0.92
CA ILE A 20 19.08 -6.62 -1.98
C ILE A 20 20.03 -5.59 -2.57
N THR A 21 20.32 -5.71 -3.85
CA THR A 21 21.04 -4.68 -4.58
C THR A 21 20.12 -3.80 -5.42
N GLY A 22 18.81 -4.01 -5.31
CA GLY A 22 17.87 -3.34 -6.17
C GLY A 22 16.71 -4.26 -6.48
N PHE A 23 15.99 -3.93 -7.54
CA PHE A 23 14.74 -4.61 -7.83
C PHE A 23 14.66 -4.97 -9.31
N ALA A 24 14.06 -6.14 -9.58
CA ALA A 24 13.90 -6.68 -10.92
C ALA A 24 12.42 -6.75 -11.29
N PRO A 25 12.09 -6.53 -12.56
CA PRO A 25 10.69 -6.59 -12.99
C PRO A 25 10.05 -7.93 -12.65
N PHE A 26 8.77 -7.89 -12.31
CA PHE A 26 8.16 -9.12 -11.84
C PHE A 26 6.81 -9.40 -12.48
N SER A 27 5.97 -8.38 -12.65
CA SER A 27 4.65 -8.56 -13.22
C SER A 27 4.11 -7.21 -13.66
N LYS A 28 3.25 -7.25 -14.68
CA LYS A 28 2.58 -6.05 -15.18
C LYS A 28 1.28 -6.49 -15.84
N ASP A 29 0.18 -5.78 -15.56
CA ASP A 29 -1.12 -6.32 -15.98
C ASP A 29 -1.72 -5.62 -17.19
N ASN A 30 -1.28 -4.41 -17.54
CA ASN A 30 -1.79 -3.69 -18.72
C ASN A 30 -3.31 -3.56 -18.72
N SER A 31 -3.86 -3.39 -17.52
CA SER A 31 -5.31 -3.41 -17.32
C SER A 31 -6.04 -2.37 -18.18
N ILE A 32 -5.52 -1.15 -18.26
CA ILE A 32 -6.24 -0.09 -18.98
C ILE A 32 -6.14 -0.31 -20.49
N ARG A 33 -4.97 -0.73 -20.98
CA ARG A 33 -4.84 -0.97 -22.42
C ARG A 33 -5.81 -2.06 -22.87
N LEU A 34 -5.94 -3.12 -22.08
CA LEU A 34 -6.90 -4.18 -22.40
C LEU A 34 -8.32 -3.66 -22.38
N SER A 35 -8.64 -2.76 -21.45
CA SER A 35 -10.01 -2.32 -21.25
C SER A 35 -10.55 -1.54 -22.44
N ALA A 36 -9.67 -1.08 -23.33
CA ALA A 36 -10.12 -0.47 -24.57
C ALA A 36 -10.59 -1.51 -25.59
N GLY A 37 -10.53 -2.80 -25.26
CA GLY A 37 -10.95 -3.84 -26.18
C GLY A 37 -11.26 -5.13 -25.43
N GLY A 38 -12.11 -5.01 -24.43
CA GLY A 38 -12.43 -6.10 -23.53
C GLY A 38 -13.19 -5.55 -22.35
N ASP A 39 -13.73 -6.46 -21.55
CA ASP A 39 -14.55 -6.11 -20.39
C ASP A 39 -13.67 -6.19 -19.15
N ILE A 40 -13.21 -5.03 -18.67
CA ILE A 40 -12.25 -4.95 -17.56
C ILE A 40 -12.83 -4.11 -16.44
N TRP A 41 -12.66 -4.58 -15.21
CA TRP A 41 -13.14 -3.82 -14.05
C TRP A 41 -12.50 -2.47 -13.97
N VAL A 42 -13.28 -1.48 -13.56
CA VAL A 42 -12.71 -0.24 -13.05
C VAL A 42 -12.27 -0.47 -11.62
N THR A 43 -11.06 -0.04 -11.27
CA THR A 43 -10.46 -0.30 -9.97
C THR A 43 -9.71 0.91 -9.47
N ARG A 44 -9.32 0.86 -8.20
CA ARG A 44 -8.26 1.70 -7.64
C ARG A 44 -7.80 1.05 -6.35
N GLU A 45 -6.78 1.65 -5.75
CA GLU A 45 -6.17 1.17 -4.50
C GLU A 45 -5.80 -0.32 -4.55
N PRO A 46 -4.96 -0.73 -5.50
CA PRO A 46 -4.62 -2.15 -5.63
C PRO A 46 -3.50 -2.53 -4.69
N TYR A 47 -3.27 -3.84 -4.57
CA TYR A 47 -2.12 -4.31 -3.81
C TYR A 47 -1.88 -5.77 -4.14
N VAL A 48 -0.79 -6.31 -3.59
CA VAL A 48 -0.36 -7.67 -3.89
C VAL A 48 -0.09 -8.38 -2.57
N SER A 49 -0.34 -9.69 -2.56
CA SER A 49 -0.09 -10.50 -1.38
C SER A 49 -0.02 -11.94 -1.85
N CYS A 50 0.78 -12.73 -1.15
CA CYS A 50 1.10 -14.08 -1.61
C CYS A 50 0.80 -15.07 -0.52
N ASP A 51 0.13 -16.17 -0.88
CA ASP A 51 0.00 -17.31 0.00
C ASP A 51 1.27 -18.15 -0.16
N PRO A 52 1.44 -19.24 0.58
CA PRO A 52 2.71 -19.99 0.48
C PRO A 52 3.03 -20.50 -0.92
N ASP A 53 2.08 -20.50 -1.85
CA ASP A 53 2.28 -21.05 -3.17
C ASP A 53 2.29 -20.01 -4.28
N LYS A 54 1.28 -19.13 -4.34
CA LYS A 54 1.16 -18.17 -5.43
C LYS A 54 0.97 -16.77 -4.87
N CYS A 55 1.14 -15.79 -5.75
CA CYS A 55 0.86 -14.40 -5.43
C CYS A 55 -0.47 -13.98 -6.06
N TYR A 56 -1.16 -13.07 -5.37
CA TYR A 56 -2.47 -12.59 -5.82
C TYR A 56 -2.45 -11.08 -5.90
N GLN A 57 -3.19 -10.54 -6.86
CA GLN A 57 -3.41 -9.10 -6.96
C GLN A 57 -4.83 -8.77 -6.51
N PHE A 58 -4.95 -7.74 -5.69
CA PHE A 58 -6.22 -7.24 -5.17
C PHE A 58 -6.44 -5.81 -5.66
N ALA A 59 -7.70 -5.38 -5.63
CA ALA A 59 -8.03 -3.98 -5.86
C ALA A 59 -9.45 -3.75 -5.42
N LEU A 60 -9.76 -2.48 -5.16
CA LEU A 60 -11.14 -2.07 -4.88
C LEU A 60 -11.83 -1.79 -6.20
N GLY A 61 -12.74 -2.68 -6.59
CA GLY A 61 -13.54 -2.43 -7.77
C GLY A 61 -14.50 -1.27 -7.56
N GLN A 62 -15.02 -0.73 -8.66
CA GLN A 62 -16.05 0.30 -8.58
C GLN A 62 -17.41 -0.24 -9.01
N GLY A 63 -17.62 -1.56 -8.95
CA GLY A 63 -18.90 -2.13 -9.33
C GLY A 63 -19.25 -1.93 -10.79
N THR A 64 -18.26 -1.86 -11.66
CA THR A 64 -18.52 -1.63 -13.07
C THR A 64 -17.28 -1.99 -13.87
N THR A 65 -17.47 -2.20 -15.17
CA THR A 65 -16.36 -2.31 -16.10
C THR A 65 -16.04 -0.92 -16.66
N LEU A 66 -14.98 -0.84 -17.46
CA LEU A 66 -14.55 0.45 -17.97
C LEU A 66 -15.43 0.91 -19.12
N ASN A 67 -15.55 0.09 -20.16
CA ASN A 67 -16.43 0.41 -21.28
C ASN A 67 -17.85 0.10 -20.84
N ASN A 68 -18.47 1.06 -20.16
CA ASN A 68 -19.70 0.84 -19.41
C ASN A 68 -20.20 2.19 -18.91
N VAL A 69 -21.50 2.46 -19.06
CA VAL A 69 -22.03 3.77 -18.65
C VAL A 69 -21.82 4.01 -17.17
N HIS A 70 -21.73 2.94 -16.37
CA HIS A 70 -21.54 3.09 -14.93
C HIS A 70 -20.12 3.46 -14.53
N SER A 71 -19.19 3.58 -15.47
CA SER A 71 -17.86 4.03 -15.10
C SER A 71 -17.79 5.54 -14.97
N ASN A 72 -18.86 6.25 -15.35
CA ASN A 72 -18.90 7.69 -15.17
C ASN A 72 -18.69 8.03 -13.70
N ASN A 73 -17.87 9.04 -13.45
CA ASN A 73 -17.68 9.61 -12.12
C ASN A 73 -17.09 8.59 -11.13
N THR A 74 -16.23 7.70 -11.60
CA THR A 74 -15.60 6.75 -10.69
C THR A 74 -14.39 7.32 -9.99
N VAL A 75 -14.20 8.64 -10.04
CA VAL A 75 -13.20 9.28 -9.19
C VAL A 75 -13.59 9.21 -7.72
N ARG A 76 -14.88 9.02 -7.43
CA ARG A 76 -15.35 8.96 -6.05
C ARG A 76 -14.74 7.76 -5.33
N ASP A 77 -14.52 7.93 -4.03
CA ASP A 77 -13.77 6.94 -3.27
C ASP A 77 -14.64 5.90 -2.57
N ARG A 78 -15.84 6.27 -2.15
CA ARG A 78 -16.69 5.39 -1.36
C ARG A 78 -18.09 5.36 -1.96
N THR A 79 -18.50 4.20 -2.46
CA THR A 79 -19.85 3.92 -2.91
C THR A 79 -20.25 2.56 -2.34
N PRO A 80 -21.56 2.26 -2.31
CA PRO A 80 -21.98 0.91 -1.90
C PRO A 80 -21.62 -0.18 -2.89
N TYR A 81 -21.09 0.18 -4.06
CA TYR A 81 -20.85 -0.78 -5.14
C TYR A 81 -19.41 -1.25 -5.20
N ARG A 82 -18.54 -0.73 -4.33
CA ARG A 82 -17.14 -1.09 -4.35
C ARG A 82 -16.96 -2.42 -3.63
N THR A 83 -16.21 -3.33 -4.27
CA THR A 83 -15.92 -4.64 -3.71
C THR A 83 -14.43 -4.92 -3.86
N LEU A 84 -13.94 -5.84 -3.04
CA LEU A 84 -12.55 -6.27 -3.12
C LEU A 84 -12.41 -7.36 -4.17
N LEU A 85 -11.65 -7.08 -5.23
CA LEU A 85 -11.37 -8.02 -6.30
C LEU A 85 -10.10 -8.81 -5.99
N MET A 86 -10.09 -10.09 -6.33
CA MET A 86 -8.94 -10.94 -6.04
C MET A 86 -8.71 -11.87 -7.22
N ASN A 87 -7.51 -11.77 -7.81
CA ASN A 87 -7.05 -12.61 -8.90
C ASN A 87 -5.63 -13.07 -8.61
N GLU A 88 -5.20 -14.12 -9.31
CA GLU A 88 -3.79 -14.45 -9.32
C GLU A 88 -3.01 -13.32 -9.97
N LEU A 89 -1.81 -13.06 -9.46
CA LEU A 89 -0.97 -12.02 -10.03
C LEU A 89 -0.75 -12.30 -11.51
N GLY A 90 -0.99 -11.28 -12.34
CA GLY A 90 -0.83 -11.39 -13.77
C GLY A 90 -2.12 -11.62 -14.53
N VAL A 91 -3.19 -12.00 -13.85
CA VAL A 91 -4.50 -12.18 -14.46
C VAL A 91 -5.25 -10.86 -14.34
N PRO A 92 -5.51 -10.14 -15.43
CA PRO A 92 -6.24 -8.87 -15.30
C PRO A 92 -7.66 -9.09 -14.78
N PHE A 93 -8.26 -8.01 -14.27
CA PHE A 93 -9.56 -8.09 -13.62
C PHE A 93 -10.65 -8.13 -14.68
N HIS A 94 -10.96 -9.35 -15.12
CA HIS A 94 -12.01 -9.61 -16.10
C HIS A 94 -13.30 -10.02 -15.37
N LEU A 95 -14.34 -10.31 -16.15
CA LEU A 95 -15.65 -10.59 -15.56
C LEU A 95 -15.65 -11.86 -14.72
N GLY A 96 -14.70 -12.76 -14.91
CA GLY A 96 -14.60 -13.91 -14.04
C GLY A 96 -13.93 -13.66 -12.71
N THR A 97 -13.57 -12.42 -12.39
CA THR A 97 -12.89 -12.14 -11.14
C THR A 97 -13.82 -12.31 -9.95
N LYS A 98 -13.32 -12.94 -8.89
CA LYS A 98 -14.09 -13.11 -7.67
C LYS A 98 -14.09 -11.82 -6.86
N GLN A 99 -15.28 -11.33 -6.52
CA GLN A 99 -15.45 -10.24 -5.56
C GLN A 99 -15.54 -10.86 -4.17
N VAL A 100 -14.46 -10.76 -3.39
CA VAL A 100 -14.43 -11.52 -2.15
C VAL A 100 -15.20 -10.85 -1.02
N CYS A 101 -15.44 -9.54 -1.09
CA CYS A 101 -16.23 -8.88 -0.06
C CYS A 101 -16.65 -7.49 -0.53
N ILE A 102 -17.53 -6.88 0.25
CA ILE A 102 -17.94 -5.49 0.04
C ILE A 102 -16.93 -4.58 0.74
N ALA A 103 -16.41 -3.58 0.02
CA ALA A 103 -15.35 -2.76 0.58
C ALA A 103 -15.03 -1.53 -0.24
N TRP A 104 -14.96 -0.35 0.40
CA TRP A 104 -14.26 0.78 -0.17
C TRP A 104 -12.97 1.08 0.57
N SER A 105 -12.52 0.15 1.42
CA SER A 105 -11.21 0.17 2.05
C SER A 105 -10.93 -1.24 2.55
N SER A 106 -9.71 -1.73 2.35
CA SER A 106 -9.50 -3.15 2.64
C SER A 106 -8.04 -3.45 2.90
N SER A 107 -7.82 -4.68 3.38
CA SER A 107 -6.51 -5.25 3.63
C SER A 107 -6.70 -6.76 3.61
N SER A 108 -5.71 -7.50 3.11
CA SER A 108 -5.78 -8.96 3.08
C SER A 108 -4.43 -9.55 3.41
N CYS A 109 -4.44 -10.76 3.97
CA CYS A 109 -3.20 -11.47 4.21
C CYS A 109 -3.51 -12.94 4.45
N HIS A 110 -2.47 -13.76 4.30
CA HIS A 110 -2.58 -15.21 4.43
C HIS A 110 -1.63 -15.65 5.53
N ASP A 111 -2.16 -16.40 6.50
CA ASP A 111 -1.37 -16.79 7.66
C ASP A 111 -0.67 -18.12 7.50
N GLY A 112 -0.66 -18.69 6.29
CA GLY A 112 -0.15 -20.01 6.06
C GLY A 112 -1.23 -21.06 5.89
N LYS A 113 -2.41 -20.84 6.48
CA LYS A 113 -3.53 -21.76 6.36
C LYS A 113 -4.69 -21.21 5.55
N ALA A 114 -5.02 -19.93 5.69
CA ALA A 114 -6.16 -19.39 4.96
C ALA A 114 -6.00 -17.88 4.83
N TRP A 115 -6.85 -17.28 4.01
CA TRP A 115 -6.86 -15.84 3.80
C TRP A 115 -7.72 -15.15 4.85
N LEU A 116 -7.26 -13.98 5.27
CA LEU A 116 -8.04 -13.04 6.06
C LEU A 116 -8.26 -11.80 5.20
N HIS A 117 -9.50 -11.34 5.12
CA HIS A 117 -9.80 -10.07 4.45
C HIS A 117 -10.48 -9.14 5.45
N VAL A 118 -9.98 -7.92 5.55
CA VAL A 118 -10.59 -6.85 6.32
C VAL A 118 -11.25 -5.89 5.35
N CYS A 119 -12.57 -5.75 5.45
CA CYS A 119 -13.38 -5.09 4.42
C CYS A 119 -14.26 -4.05 5.10
N ILE A 120 -14.09 -2.79 4.70
CA ILE A 120 -14.84 -1.69 5.31
C ILE A 120 -15.81 -1.13 4.27
N THR A 121 -17.08 -1.04 4.66
CA THR A 121 -18.11 -0.48 3.80
C THR A 121 -19.13 0.24 4.67
N GLY A 122 -20.09 0.89 4.03
CA GLY A 122 -21.17 1.56 4.73
C GLY A 122 -21.04 3.07 4.70
N ASP A 123 -21.82 3.73 5.56
CA ASP A 123 -21.82 5.18 5.65
C ASP A 123 -20.48 5.71 6.14
N ASP A 124 -20.17 6.94 5.72
CA ASP A 124 -18.91 7.57 6.13
C ASP A 124 -18.87 7.74 7.64
N LYS A 125 -19.95 8.25 8.22
CA LYS A 125 -19.98 8.53 9.65
C LYS A 125 -20.35 7.32 10.48
N ASN A 126 -20.50 6.13 9.88
CA ASN A 126 -20.90 4.95 10.63
C ASN A 126 -20.56 3.68 9.86
N ALA A 127 -19.29 3.48 9.54
CA ALA A 127 -18.89 2.38 8.68
C ALA A 127 -18.66 1.10 9.48
N THR A 128 -18.59 -0.02 8.76
CA THR A 128 -18.46 -1.36 9.34
C THR A 128 -17.24 -2.04 8.75
N ALA A 129 -16.36 -2.54 9.61
CA ALA A 129 -15.28 -3.41 9.18
C ALA A 129 -15.72 -4.85 9.34
N SER A 130 -15.62 -5.64 8.27
CA SER A 130 -15.96 -7.05 8.28
C SER A 130 -14.69 -7.88 8.23
N PHE A 131 -14.57 -8.87 9.10
CA PHE A 131 -13.38 -9.72 9.15
C PHE A 131 -13.77 -11.11 8.65
N ILE A 132 -13.24 -11.48 7.50
CA ILE A 132 -13.61 -12.69 6.78
C ILE A 132 -12.39 -13.59 6.72
N TYR A 133 -12.50 -14.79 7.28
CA TYR A 133 -11.38 -15.71 7.37
C TYR A 133 -11.79 -17.05 6.77
N ASN A 134 -10.98 -17.56 5.85
CA ASN A 134 -11.24 -18.86 5.23
C ASN A 134 -12.62 -18.90 4.61
N GLY A 135 -13.03 -17.79 3.99
CA GLY A 135 -14.31 -17.70 3.31
C GLY A 135 -15.53 -17.55 4.19
N ARG A 136 -15.37 -17.29 5.49
CA ARG A 136 -16.50 -17.15 6.40
C ARG A 136 -16.33 -15.89 7.24
N LEU A 137 -17.44 -15.19 7.48
CA LEU A 137 -17.40 -13.98 8.29
C LEU A 137 -17.27 -14.36 9.76
N ILE A 138 -16.20 -13.89 10.40
CA ILE A 138 -15.90 -14.29 11.77
C ILE A 138 -16.16 -13.17 12.77
N ASP A 139 -16.02 -11.91 12.37
CA ASP A 139 -16.10 -10.80 13.31
C ASP A 139 -16.42 -9.54 12.52
N SER A 140 -16.72 -8.47 13.27
CA SER A 140 -16.90 -7.17 12.68
C SER A 140 -16.87 -6.12 13.79
N VAL A 141 -16.54 -4.89 13.41
CA VAL A 141 -16.48 -3.77 14.35
C VAL A 141 -16.99 -2.52 13.65
N VAL A 142 -17.68 -1.67 14.42
CA VAL A 142 -18.21 -0.41 13.93
C VAL A 142 -17.15 0.68 14.05
N SER A 143 -17.28 1.70 13.20
CA SER A 143 -16.46 2.90 13.31
C SER A 143 -16.50 3.44 14.73
N TRP A 144 -15.33 3.81 15.26
CA TRP A 144 -15.26 4.30 16.63
C TRP A 144 -15.21 5.82 16.74
N SER A 145 -14.74 6.53 15.72
CA SER A 145 -14.73 7.98 15.73
C SER A 145 -15.75 8.58 14.78
N LYS A 146 -16.50 7.74 14.06
CA LYS A 146 -17.61 8.19 13.22
C LYS A 146 -17.13 9.12 12.11
N ASP A 147 -16.00 8.77 11.50
CA ASP A 147 -15.40 9.61 10.47
C ASP A 147 -14.50 8.79 9.55
N ILE A 148 -15.12 7.94 8.73
CA ILE A 148 -14.45 7.16 7.69
C ILE A 148 -13.41 6.21 8.27
N LEU A 149 -13.89 5.20 9.01
CA LEU A 149 -13.05 4.07 9.36
C LEU A 149 -12.37 3.54 8.09
N ARG A 150 -11.04 3.38 8.16
CA ARG A 150 -10.27 3.08 6.97
C ARG A 150 -9.02 2.30 7.37
N THR A 151 -8.48 1.55 6.42
CA THR A 151 -7.36 0.66 6.73
C THR A 151 -6.31 0.78 5.62
N GLN A 152 -5.44 -0.23 5.51
CA GLN A 152 -4.12 -0.04 4.91
C GLN A 152 -4.11 0.05 3.38
N GLU A 153 -5.06 -0.59 2.70
CA GLU A 153 -5.01 -0.73 1.24
C GLU A 153 -3.75 -1.43 0.77
N SER A 154 -3.21 -2.33 1.60
CA SER A 154 -2.15 -3.25 1.22
C SER A 154 -2.18 -4.42 2.19
N GLU A 155 -1.27 -5.36 2.00
CA GLU A 155 -1.35 -6.61 2.76
C GLU A 155 -1.08 -6.39 4.24
N CYS A 156 -1.81 -7.13 5.06
CA CYS A 156 -1.50 -7.26 6.47
C CYS A 156 -0.46 -8.36 6.66
N VAL A 157 -0.06 -8.59 7.91
CA VAL A 157 1.03 -9.50 8.22
C VAL A 157 0.60 -10.42 9.36
N CYS A 158 0.82 -11.72 9.19
CA CYS A 158 0.49 -12.72 10.19
C CYS A 158 1.76 -13.42 10.63
N ILE A 159 1.94 -13.54 11.94
CA ILE A 159 3.07 -14.24 12.52
C ILE A 159 2.50 -15.23 13.51
N ASN A 160 3.02 -16.46 13.49
CA ASN A 160 2.37 -17.55 14.19
C ASN A 160 0.93 -17.51 13.69
N GLY A 161 -0.07 -17.49 14.56
CA GLY A 161 -1.44 -17.41 14.08
C GLY A 161 -2.07 -16.04 14.11
N THR A 162 -1.31 -14.98 14.41
CA THR A 162 -1.86 -13.68 14.75
C THR A 162 -1.57 -12.66 13.66
N CYS A 163 -2.62 -12.09 13.07
CA CYS A 163 -2.49 -11.06 12.05
C CYS A 163 -2.71 -9.69 12.66
N THR A 164 -1.90 -8.72 12.25
CA THR A 164 -2.06 -7.33 12.66
C THR A 164 -2.57 -6.52 11.49
N VAL A 165 -3.44 -5.54 11.77
CA VAL A 165 -3.88 -4.60 10.76
C VAL A 165 -4.11 -3.26 11.44
N VAL A 166 -3.66 -2.20 10.76
CA VAL A 166 -3.74 -0.82 11.28
C VAL A 166 -4.95 -0.15 10.65
N MET A 167 -5.83 0.40 11.51
CA MET A 167 -7.03 1.09 11.07
C MET A 167 -7.09 2.48 11.69
N THR A 168 -7.70 3.40 10.97
CA THR A 168 -7.78 4.79 11.37
C THR A 168 -9.21 5.27 11.20
N ASP A 169 -9.61 6.17 12.09
CA ASP A 169 -10.94 6.76 12.09
C ASP A 169 -10.83 8.17 12.64
N GLY A 170 -11.29 9.14 11.87
CA GLY A 170 -11.24 10.51 12.31
C GLY A 170 -10.80 11.42 11.19
N ASN A 171 -10.52 12.66 11.57
CA ASN A 171 -10.12 13.71 10.63
C ASN A 171 -8.83 13.31 9.93
N ALA A 172 -8.85 13.33 8.59
CA ALA A 172 -7.67 12.94 7.84
C ALA A 172 -6.58 13.99 7.94
N THR A 173 -6.92 15.25 7.68
CA THR A 173 -5.95 16.33 7.74
C THR A 173 -5.75 16.86 9.15
N GLY A 174 -6.01 16.05 10.17
CA GLY A 174 -5.82 16.48 11.55
C GLY A 174 -5.65 15.33 12.52
N LYS A 175 -6.18 15.48 13.72
CA LYS A 175 -6.05 14.44 14.74
C LYS A 175 -7.08 13.35 14.48
N ALA A 176 -6.62 12.10 14.50
CA ALA A 176 -7.49 10.95 14.29
C ALA A 176 -7.14 9.86 15.30
N ASP A 177 -7.95 8.82 15.33
CA ASP A 177 -7.76 7.68 16.22
C ASP A 177 -7.32 6.48 15.39
N THR A 178 -6.08 6.07 15.56
CA THR A 178 -5.51 4.93 14.87
C THR A 178 -5.35 3.78 15.85
N LYS A 179 -5.82 2.60 15.48
CA LYS A 179 -5.72 1.43 16.32
C LYS A 179 -5.09 0.28 15.54
N ILE A 180 -4.41 -0.60 16.26
CA ILE A 180 -3.81 -1.80 15.70
C ILE A 180 -4.61 -2.99 16.22
N LEU A 181 -5.16 -3.77 15.31
CA LEU A 181 -5.99 -4.90 15.68
C LEU A 181 -5.20 -6.18 15.54
N PHE A 182 -5.39 -7.09 16.49
CA PHE A 182 -4.75 -8.40 16.45
C PHE A 182 -5.85 -9.43 16.23
N ILE A 183 -5.72 -10.18 15.14
CA ILE A 183 -6.80 -11.01 14.65
C ILE A 183 -6.30 -12.44 14.56
N GLU A 184 -7.07 -13.37 15.10
CA GLU A 184 -6.71 -14.78 15.08
C GLU A 184 -7.87 -15.57 14.49
N GLU A 185 -7.60 -16.19 13.34
CA GLU A 185 -8.62 -16.93 12.58
C GLU A 185 -9.87 -16.08 12.37
N GLY A 186 -9.64 -14.80 12.05
CA GLY A 186 -10.71 -13.86 11.81
C GLY A 186 -11.28 -13.19 13.04
N LYS A 187 -10.96 -13.66 14.24
CA LYS A 187 -11.51 -13.07 15.45
C LYS A 187 -10.55 -12.01 15.99
N ILE A 188 -11.09 -10.83 16.29
CA ILE A 188 -10.31 -9.78 16.93
C ILE A 188 -10.02 -10.21 18.37
N VAL A 189 -8.77 -10.52 18.67
CA VAL A 189 -8.40 -10.94 20.01
C VAL A 189 -7.81 -9.82 20.85
N HIS A 190 -7.29 -8.76 20.24
CA HIS A 190 -6.80 -7.61 21.00
C HIS A 190 -6.81 -6.36 20.11
N THR A 191 -6.88 -5.21 20.75
CA THR A 191 -6.90 -3.91 20.09
C THR A 191 -5.96 -2.99 20.84
N SER A 192 -4.97 -2.44 20.13
CA SER A 192 -4.00 -1.52 20.72
C SER A 192 -4.15 -0.15 20.06
N LYS A 193 -4.07 0.89 20.89
CA LYS A 193 -4.09 2.26 20.38
C LYS A 193 -2.71 2.64 19.86
N LEU A 194 -2.69 3.42 18.78
CA LEU A 194 -1.42 3.97 18.29
C LEU A 194 -0.74 4.78 19.39
N SER A 195 0.52 4.45 19.64
CA SER A 195 1.33 5.12 20.65
C SER A 195 2.67 5.51 20.02
N GLY A 196 3.20 6.67 20.43
CA GLY A 196 4.51 7.13 20.05
C GLY A 196 4.45 8.55 19.54
N SER A 197 5.44 8.90 18.70
CA SER A 197 5.57 10.27 18.20
C SER A 197 5.03 10.44 16.78
N ALA A 198 4.63 9.38 16.11
CA ALA A 198 3.87 9.51 14.88
C ALA A 198 2.46 9.99 15.22
N GLN A 199 2.15 11.23 14.86
CA GLN A 199 0.85 11.78 15.21
C GLN A 199 -0.26 11.25 14.29
N HIS A 200 -0.06 11.37 12.98
CA HIS A 200 -1.05 10.94 12.00
C HIS A 200 -0.50 9.79 11.17
N VAL A 201 -1.29 8.74 11.04
CA VAL A 201 -0.85 7.50 10.40
C VAL A 201 -2.00 6.93 9.59
N GLU A 202 -1.74 6.66 8.31
CA GLU A 202 -2.76 6.15 7.41
C GLU A 202 -2.13 5.34 6.29
N GLU A 203 -2.88 4.38 5.78
CA GLU A 203 -2.51 3.60 4.60
C GLU A 203 -1.12 3.00 4.77
N CYS A 204 -0.97 2.25 5.85
CA CYS A 204 0.34 1.73 6.19
C CYS A 204 0.76 0.61 5.24
N SER A 205 2.04 0.57 4.93
CA SER A 205 2.63 -0.52 4.15
C SER A 205 3.46 -1.34 5.13
N CYS A 206 2.92 -2.48 5.54
CA CYS A 206 3.52 -3.28 6.59
C CYS A 206 4.26 -4.47 6.01
N TYR A 207 5.25 -4.94 6.76
CA TYR A 207 6.02 -6.10 6.34
C TYR A 207 6.55 -6.82 7.56
N PRO A 208 6.66 -8.15 7.50
CA PRO A 208 7.18 -8.89 8.66
C PRO A 208 8.64 -8.57 8.89
N ARG A 209 8.98 -8.27 10.15
CA ARG A 209 10.37 -8.07 10.57
C ARG A 209 10.51 -8.81 11.89
N TYR A 210 10.73 -10.12 11.81
CA TYR A 210 10.62 -11.01 12.96
C TYR A 210 11.50 -10.50 14.10
N PRO A 211 11.03 -10.55 15.34
CA PRO A 211 9.78 -11.17 15.82
C PRO A 211 8.51 -10.34 15.63
N GLY A 212 8.57 -9.21 14.94
CA GLY A 212 7.39 -8.37 14.89
C GLY A 212 7.04 -7.86 13.51
N VAL A 213 6.25 -6.79 13.47
CA VAL A 213 5.76 -6.21 12.23
C VAL A 213 6.17 -4.74 12.20
N ARG A 214 6.62 -4.28 11.03
CA ARG A 214 7.01 -2.90 10.83
C ARG A 214 6.17 -2.31 9.71
N CYS A 215 5.78 -1.05 9.87
CA CYS A 215 4.93 -0.38 8.89
C CYS A 215 5.50 1.00 8.59
N VAL A 216 5.40 1.39 7.33
CA VAL A 216 5.74 2.74 6.88
C VAL A 216 4.47 3.33 6.29
N CYS A 217 4.10 4.51 6.74
CA CYS A 217 2.73 4.97 6.57
C CYS A 217 2.70 6.30 5.84
N ARG A 218 1.51 6.89 5.79
CA ARG A 218 1.27 8.16 5.14
C ARG A 218 0.77 9.14 6.19
N ASP A 219 1.34 10.33 6.21
CA ASP A 219 0.96 11.40 7.12
C ASP A 219 0.29 12.49 6.30
N ASN A 220 -1.03 12.61 6.41
CA ASN A 220 -1.76 13.67 5.72
C ASN A 220 -1.74 14.98 6.48
N TRP A 221 -1.10 15.03 7.65
CA TRP A 221 -1.26 16.16 8.53
C TRP A 221 -0.07 17.12 8.48
N LYS A 222 1.04 16.78 9.13
CA LYS A 222 2.10 17.75 9.37
C LYS A 222 3.43 17.34 8.76
N GLY A 223 3.44 16.52 7.71
CA GLY A 223 4.74 16.07 7.28
C GLY A 223 4.84 15.35 5.95
N SER A 224 6.01 15.47 5.33
CA SER A 224 6.34 14.72 4.13
C SER A 224 7.36 13.62 4.40
N ASN A 225 7.77 13.42 5.65
CA ASN A 225 8.54 12.23 6.01
C ASN A 225 7.59 11.17 6.55
N ARG A 226 7.83 9.93 6.19
CA ARG A 226 6.81 8.92 6.42
C ARG A 226 6.84 8.43 7.87
N PRO A 227 5.68 8.28 8.50
CA PRO A 227 5.64 7.64 9.82
C PRO A 227 6.04 6.19 9.77
N ILE A 228 6.63 5.71 10.87
CA ILE A 228 6.94 4.31 11.07
C ILE A 228 6.16 3.84 12.29
N VAL A 229 5.66 2.60 12.22
CA VAL A 229 4.95 1.97 13.34
C VAL A 229 5.52 0.57 13.53
N ASP A 230 6.08 0.31 14.71
CA ASP A 230 6.58 -1.01 15.04
C ASP A 230 5.59 -1.72 15.95
N ILE A 231 5.23 -2.95 15.60
CA ILE A 231 4.19 -3.71 16.27
C ILE A 231 4.83 -4.93 16.90
N ASN A 232 4.82 -5.00 18.23
CA ASN A 232 5.21 -6.22 18.92
C ASN A 232 4.01 -7.16 18.94
N ILE A 233 4.13 -8.30 18.25
CA ILE A 233 2.95 -9.15 18.06
C ILE A 233 2.64 -10.00 19.29
N LYS A 234 3.53 -10.05 20.27
CA LYS A 234 3.28 -10.84 21.48
C LYS A 234 2.60 -10.01 22.57
N ASP A 235 3.24 -8.93 23.02
CA ASP A 235 2.64 -8.12 24.09
C ASP A 235 1.80 -6.97 23.54
N HIS A 236 1.67 -6.85 22.22
CA HIS A 236 0.79 -5.88 21.58
C HIS A 236 1.21 -4.44 21.84
N SER A 237 2.50 -4.21 22.11
CA SER A 237 2.99 -2.86 22.31
C SER A 237 3.37 -2.21 20.98
N ILE A 238 3.28 -0.89 20.94
CA ILE A 238 3.42 -0.10 19.74
C ILE A 238 4.45 0.99 19.99
N VAL A 239 5.47 1.09 19.13
CA VAL A 239 6.33 2.26 19.11
C VAL A 239 6.23 2.87 17.72
N SER A 240 6.35 4.19 17.64
CA SER A 240 6.23 4.86 16.36
C SER A 240 7.28 5.98 16.25
N SER A 241 7.59 6.34 15.00
CA SER A 241 8.55 7.39 14.68
C SER A 241 8.39 7.79 13.22
N TYR A 242 9.47 8.31 12.61
CA TYR A 242 9.46 8.70 11.21
C TYR A 242 10.70 8.17 10.51
N VAL A 243 10.60 7.96 9.19
CA VAL A 243 11.76 7.59 8.40
C VAL A 243 12.76 8.75 8.44
N CYS A 244 13.97 8.47 8.96
CA CYS A 244 14.92 9.55 9.22
C CYS A 244 15.40 10.22 7.93
N SER A 245 15.56 9.43 6.85
CA SER A 245 16.15 9.87 5.59
C SER A 245 15.83 11.31 5.21
N GLY A 246 16.87 12.11 4.99
CA GLY A 246 16.69 13.47 4.50
C GLY A 246 16.07 13.54 3.11
N LEU A 247 16.13 12.43 2.37
CA LEU A 247 15.36 12.29 1.14
C LEU A 247 14.01 11.69 1.54
N VAL A 248 12.98 12.50 1.51
CA VAL A 248 11.71 12.08 2.08
C VAL A 248 10.89 11.35 1.01
N GLY A 249 9.94 10.54 1.47
CA GLY A 249 9.30 9.59 0.59
C GLY A 249 7.89 9.94 0.17
N ASP A 250 7.34 11.05 0.67
CA ASP A 250 5.95 11.39 0.39
C ASP A 250 5.85 12.38 -0.77
N THR A 251 4.61 12.63 -1.19
CA THR A 251 4.24 13.56 -2.24
C THR A 251 2.94 14.24 -1.81
N PRO A 252 2.89 15.57 -1.75
CA PRO A 252 3.92 16.56 -2.11
C PRO A 252 5.10 16.60 -1.13
N ARG A 253 6.19 17.23 -1.55
CA ARG A 253 7.39 17.36 -0.74
C ARG A 253 8.23 18.47 -1.34
N LYS A 254 9.22 18.92 -0.58
CA LYS A 254 10.16 19.89 -1.11
C LYS A 254 11.19 19.21 -2.02
N ASN A 255 11.89 20.02 -2.81
CA ASN A 255 12.96 19.46 -3.64
C ASN A 255 14.08 18.90 -2.75
N ASP A 256 14.96 18.11 -3.35
CA ASP A 256 15.94 17.38 -2.57
C ASP A 256 16.97 18.28 -1.89
N SER A 257 17.11 19.53 -2.33
CA SER A 257 18.01 20.45 -1.63
C SER A 257 17.38 20.97 -0.35
N SER A 258 16.10 21.35 -0.41
CA SER A 258 15.44 22.05 0.69
C SER A 258 14.80 21.12 1.70
N SER A 259 14.59 19.86 1.35
CA SER A 259 13.87 18.95 2.23
C SER A 259 14.69 18.62 3.47
N SER A 260 14.00 18.40 4.57
CA SER A 260 14.61 17.98 5.83
C SER A 260 13.71 16.93 6.45
N SER A 261 14.24 16.28 7.48
CA SER A 261 13.50 15.19 8.13
C SER A 261 13.96 15.10 9.57
N HIS A 262 13.22 14.32 10.35
CA HIS A 262 13.57 14.06 11.74
C HIS A 262 13.22 12.61 12.03
N CYS A 263 13.93 12.01 12.98
CA CYS A 263 13.63 10.62 13.32
C CYS A 263 12.37 10.50 14.15
N LEU A 264 12.00 11.54 14.89
CA LEU A 264 10.96 11.45 15.91
C LEU A 264 9.87 12.49 15.78
N ASN A 265 9.82 13.23 14.67
CA ASN A 265 8.85 14.31 14.52
C ASN A 265 8.55 14.50 13.04
N PRO A 266 7.33 14.93 12.71
CA PRO A 266 7.06 15.33 11.32
C PRO A 266 7.92 16.53 10.96
N ASN A 267 8.22 16.66 9.68
CA ASN A 267 9.11 17.74 9.24
C ASN A 267 8.38 19.03 8.95
N ASN A 268 7.05 19.06 9.07
CA ASN A 268 6.25 20.26 8.84
C ASN A 268 6.55 20.87 7.48
N GLU A 269 6.69 20.01 6.47
CA GLU A 269 6.92 20.44 5.09
C GLU A 269 5.88 19.78 4.21
N GLU A 270 5.10 20.61 3.50
CA GLU A 270 4.06 20.14 2.58
C GLU A 270 3.00 19.30 3.30
N GLY A 271 2.66 19.69 4.52
CA GLY A 271 1.58 19.04 5.23
C GLY A 271 0.23 19.29 4.57
N GLY A 272 -0.74 18.48 4.96
CA GLY A 272 -2.08 18.57 4.41
C GLY A 272 -2.39 17.57 3.34
N HIS A 273 -1.38 17.02 2.67
CA HIS A 273 -1.59 16.02 1.62
C HIS A 273 -0.62 14.86 1.78
N GLY A 274 -0.57 13.95 0.81
CA GLY A 274 0.26 12.77 0.93
C GLY A 274 -0.22 11.66 0.02
N VAL A 275 0.54 10.57 0.04
CA VAL A 275 0.24 9.42 -0.80
C VAL A 275 0.76 8.16 -0.11
N LYS A 276 0.06 7.06 -0.32
CA LYS A 276 0.52 5.78 0.18
C LYS A 276 1.87 5.44 -0.44
N GLY A 277 2.76 4.87 0.37
CA GLY A 277 4.08 4.50 -0.09
C GLY A 277 4.73 3.56 0.89
N TRP A 278 6.01 3.29 0.66
CA TRP A 278 6.69 2.22 1.39
C TRP A 278 8.16 2.58 1.52
N ALA A 279 8.83 1.85 2.42
CA ALA A 279 10.27 1.89 2.64
C ALA A 279 10.59 0.70 3.53
N PHE A 280 11.85 0.27 3.50
CA PHE A 280 12.24 -0.73 4.48
C PHE A 280 13.73 -0.60 4.79
N ASP A 281 14.10 -1.15 5.93
CA ASP A 281 15.44 -1.00 6.48
C ASP A 281 16.35 -2.11 5.99
N ASP A 282 17.60 -1.75 5.73
CA ASP A 282 18.68 -2.68 5.40
C ASP A 282 19.87 -2.23 6.24
N GLY A 283 19.99 -2.78 7.45
CA GLY A 283 20.91 -2.22 8.41
C GLY A 283 20.54 -0.78 8.68
N ASN A 284 21.54 0.11 8.68
CA ASN A 284 21.28 1.53 8.84
C ASN A 284 20.79 2.19 7.56
N ASP A 285 20.77 1.48 6.44
CA ASP A 285 20.27 2.05 5.19
C ASP A 285 18.78 1.83 5.08
N VAL A 286 18.14 2.67 4.26
CA VAL A 286 16.74 2.52 3.94
C VAL A 286 16.62 2.36 2.42
N TRP A 287 15.84 1.37 2.01
CA TRP A 287 15.37 1.24 0.64
C TRP A 287 13.99 1.87 0.54
N MET A 288 13.81 2.76 -0.43
CA MET A 288 12.49 3.38 -0.55
C MET A 288 12.16 3.65 -1.99
N GLY A 289 10.86 3.85 -2.23
CA GLY A 289 10.38 4.38 -3.49
C GLY A 289 9.59 5.63 -3.21
N ARG A 290 9.33 6.37 -4.28
CA ARG A 290 8.59 7.63 -4.20
C ARG A 290 8.33 8.11 -5.62
N THR A 291 7.40 9.04 -5.74
CA THR A 291 7.18 9.66 -7.04
C THR A 291 8.39 10.50 -7.40
N ILE A 292 8.61 10.66 -8.70
CA ILE A 292 9.76 11.45 -9.15
C ILE A 292 9.46 12.93 -9.00
N ASN A 293 8.30 13.35 -9.50
CA ASN A 293 7.88 14.74 -9.37
C ASN A 293 7.55 15.04 -7.91
N GLU A 294 7.96 16.21 -7.43
CA GLU A 294 7.80 16.51 -6.02
C GLU A 294 6.37 16.89 -5.63
N THR A 295 5.57 17.38 -6.57
CA THR A 295 4.25 17.91 -6.22
C THR A 295 3.08 17.08 -6.72
N SER A 296 3.21 16.38 -7.84
CA SER A 296 2.14 15.54 -8.34
C SER A 296 2.63 14.11 -8.47
N ARG A 297 1.68 13.19 -8.69
CA ARG A 297 2.00 11.77 -8.75
C ARG A 297 2.40 11.38 -10.17
N LEU A 298 3.57 11.89 -10.57
CA LEU A 298 4.18 11.61 -11.87
C LEU A 298 5.52 10.91 -11.64
N GLY A 299 5.77 9.86 -12.41
CA GLY A 299 6.99 9.10 -12.28
C GLY A 299 7.00 8.25 -11.02
N TYR A 300 7.91 7.28 -11.01
CA TYR A 300 8.20 6.52 -9.79
C TYR A 300 9.65 6.07 -9.85
N GLU A 301 10.35 6.24 -8.73
CA GLU A 301 11.76 5.92 -8.65
C GLU A 301 12.02 5.18 -7.35
N THR A 302 13.03 4.34 -7.37
CA THR A 302 13.41 3.57 -6.21
C THR A 302 14.90 3.77 -5.99
N PHE A 303 15.32 3.80 -4.73
CA PHE A 303 16.73 3.93 -4.43
C PHE A 303 16.99 3.55 -2.98
N LYS A 304 18.27 3.47 -2.66
CA LYS A 304 18.73 3.24 -1.30
C LYS A 304 19.39 4.51 -0.81
N VAL A 305 19.07 4.91 0.41
CA VAL A 305 19.72 6.06 1.06
C VAL A 305 20.71 5.51 2.07
N VAL A 306 21.99 5.82 1.87
CA VAL A 306 23.02 5.34 2.77
C VAL A 306 22.84 6.02 4.13
N GLU A 307 22.72 5.22 5.19
CA GLU A 307 22.42 5.66 6.55
C GLU A 307 21.05 6.30 6.68
N GLY A 308 20.20 6.19 5.66
CA GLY A 308 18.91 6.86 5.70
C GLY A 308 17.93 6.33 6.72
N TRP A 309 18.20 5.15 7.28
CA TRP A 309 17.30 4.61 8.29
C TRP A 309 17.57 5.20 9.66
N SER A 310 18.75 5.78 9.87
CA SER A 310 19.11 6.33 11.16
C SER A 310 19.59 7.77 11.11
N ASN A 311 20.07 8.28 9.98
CA ASN A 311 20.64 9.61 9.93
C ASN A 311 19.62 10.58 9.33
N PRO A 312 19.05 11.49 10.13
CA PRO A 312 18.05 12.42 9.59
C PRO A 312 18.63 13.44 8.60
N LYS A 313 19.94 13.57 8.53
CA LYS A 313 20.60 14.51 7.62
C LYS A 313 21.13 13.84 6.37
N SER A 314 21.01 12.52 6.25
CA SER A 314 21.62 11.78 5.15
C SER A 314 20.82 12.00 3.87
N LYS A 315 21.50 12.51 2.83
CA LYS A 315 20.90 12.66 1.51
C LYS A 315 21.69 11.89 0.46
N LEU A 316 22.37 10.83 0.87
CA LEU A 316 23.30 10.08 0.02
C LEU A 316 22.57 8.87 -0.56
N GLN A 317 22.02 9.02 -1.76
CA GLN A 317 21.33 7.91 -2.38
C GLN A 317 22.25 7.19 -3.36
N ILE A 318 21.87 5.96 -3.69
CA ILE A 318 22.63 5.11 -4.60
C ILE A 318 21.72 3.97 -5.02
N ASN A 319 22.04 3.35 -6.16
CA ASN A 319 21.22 2.28 -6.73
C ASN A 319 19.84 2.78 -7.13
N ARG A 320 19.78 4.01 -7.63
CA ARG A 320 18.51 4.51 -8.12
C ARG A 320 18.06 3.70 -9.33
N GLN A 321 16.77 3.41 -9.38
CA GLN A 321 16.14 2.85 -10.56
C GLN A 321 14.88 3.62 -10.85
N VAL A 322 14.67 3.96 -12.12
CA VAL A 322 13.42 4.53 -12.58
C VAL A 322 12.45 3.39 -12.84
N ILE A 323 11.31 3.40 -12.15
CA ILE A 323 10.27 2.43 -12.43
C ILE A 323 9.26 2.96 -13.43
N VAL A 324 8.80 4.19 -13.22
CA VAL A 324 7.93 4.89 -14.16
C VAL A 324 8.58 6.23 -14.45
N ASP A 325 8.82 6.52 -15.72
CA ASP A 325 9.51 7.76 -16.06
C ASP A 325 8.70 8.96 -15.63
N ARG A 326 9.39 10.10 -15.54
CA ARG A 326 8.85 11.26 -14.83
C ARG A 326 7.59 11.80 -15.49
N GLY A 327 7.42 11.58 -16.80
CA GLY A 327 6.28 12.11 -17.50
C GLY A 327 5.01 11.30 -17.46
N ASP A 328 5.02 10.13 -16.81
CA ASP A 328 3.85 9.25 -16.77
C ASP A 328 3.29 9.16 -15.37
N ARG A 329 2.01 8.84 -15.28
CA ARG A 329 1.29 8.90 -14.01
C ARG A 329 1.57 7.69 -13.15
N SER A 330 1.74 7.92 -11.85
CA SER A 330 1.88 6.84 -10.89
C SER A 330 0.71 6.86 -9.93
N GLY A 331 0.98 6.67 -8.64
CA GLY A 331 -0.09 6.64 -7.65
C GLY A 331 0.38 5.96 -6.39
N TYR A 332 -0.57 5.31 -5.71
CA TYR A 332 -0.23 4.52 -4.54
C TYR A 332 0.86 3.52 -4.86
N SER A 333 1.64 3.16 -3.85
CA SER A 333 2.55 2.04 -3.98
C SER A 333 2.66 1.37 -2.62
N GLY A 334 3.13 0.13 -2.62
CA GLY A 334 3.19 -0.57 -1.35
C GLY A 334 4.09 -1.77 -1.46
N ILE A 335 4.35 -2.36 -0.31
CA ILE A 335 5.30 -3.44 -0.15
C ILE A 335 4.54 -4.75 0.04
N PHE A 336 5.13 -5.85 -0.43
CA PHE A 336 4.73 -7.16 0.04
C PHE A 336 5.97 -8.00 0.20
N SER A 337 5.84 -9.08 0.98
CA SER A 337 6.98 -9.94 1.31
C SER A 337 6.72 -11.36 0.82
N VAL A 338 7.78 -12.00 0.35
CA VAL A 338 7.73 -13.32 -0.25
C VAL A 338 8.76 -14.20 0.45
N GLU A 339 8.30 -15.29 1.08
CA GLU A 339 9.21 -16.18 1.78
C GLU A 339 9.92 -17.10 0.80
N GLY A 340 11.24 -17.20 0.94
CA GLY A 340 12.06 -18.03 0.09
C GLY A 340 12.59 -19.25 0.83
N LYS A 341 13.57 -19.91 0.18
CA LYS A 341 14.18 -21.10 0.75
C LYS A 341 14.84 -20.81 2.09
N SER A 342 15.55 -19.68 2.17
CA SER A 342 16.33 -19.36 3.35
C SER A 342 16.25 -17.90 3.77
N CYS A 343 15.49 -17.07 3.05
CA CYS A 343 15.39 -15.66 3.41
C CYS A 343 14.06 -15.09 2.92
N ILE A 344 13.72 -13.93 3.46
CA ILE A 344 12.50 -13.21 3.13
C ILE A 344 12.84 -12.09 2.15
N ASN A 345 12.22 -12.12 0.97
CA ASN A 345 12.43 -11.07 -0.01
C ASN A 345 11.40 -9.96 0.17
N ARG A 346 11.71 -8.79 -0.36
CA ARG A 346 10.79 -7.64 -0.32
C ARG A 346 10.48 -7.22 -1.74
N CYS A 347 9.20 -7.03 -2.03
CA CYS A 347 8.75 -6.62 -3.35
C CYS A 347 7.83 -5.42 -3.19
N PHE A 348 7.48 -4.79 -4.30
CA PHE A 348 6.56 -3.68 -4.23
C PHE A 348 5.76 -3.58 -5.52
N TYR A 349 4.60 -2.94 -5.41
CA TYR A 349 3.72 -2.67 -6.54
C TYR A 349 3.59 -1.15 -6.65
N VAL A 350 3.27 -0.67 -7.85
CA VAL A 350 2.98 0.74 -8.07
C VAL A 350 1.65 0.83 -8.80
N GLU A 351 0.71 1.58 -8.22
CA GLU A 351 -0.56 1.88 -8.88
C GLU A 351 -0.31 2.94 -9.95
N LEU A 352 -0.81 2.70 -11.16
CA LEU A 352 -0.66 3.64 -12.27
C LEU A 352 -2.04 4.18 -12.60
N ILE A 353 -2.35 5.37 -12.06
CA ILE A 353 -3.70 5.92 -12.14
C ILE A 353 -3.90 6.66 -13.44
N ARG A 354 -5.03 6.41 -14.12
CA ARG A 354 -5.41 7.16 -15.30
C ARG A 354 -6.85 7.61 -15.17
N GLY A 355 -7.16 8.77 -15.75
CA GLY A 355 -8.51 9.29 -15.76
C GLY A 355 -8.67 10.55 -14.92
N ARG A 356 -9.93 10.82 -14.58
CA ARG A 356 -10.28 12.02 -13.83
C ARG A 356 -9.64 12.01 -12.44
N LYS A 357 -9.33 13.19 -11.91
CA LYS A 357 -9.67 14.48 -12.50
C LYS A 357 -8.60 15.04 -13.43
N GLU A 358 -7.38 14.51 -13.33
CA GLU A 358 -6.23 15.11 -14.01
C GLU A 358 -6.32 14.97 -15.52
N GLU A 359 -6.94 13.91 -16.01
CA GLU A 359 -7.11 13.66 -17.43
C GLU A 359 -8.61 13.68 -17.75
N THR A 360 -9.03 14.64 -18.57
CA THR A 360 -10.44 14.88 -18.81
C THR A 360 -10.95 14.31 -20.14
N GLU A 361 -10.09 13.65 -20.91
CA GLU A 361 -10.55 13.05 -22.16
C GLU A 361 -11.58 11.96 -21.91
N VAL A 362 -11.51 11.30 -20.75
CA VAL A 362 -12.47 10.29 -20.37
C VAL A 362 -13.22 10.78 -19.14
N LEU A 363 -14.27 10.03 -18.77
CA LEU A 363 -15.07 10.36 -17.60
C LEU A 363 -14.74 9.46 -16.41
N TRP A 364 -13.96 8.41 -16.63
CA TRP A 364 -13.70 7.41 -15.60
C TRP A 364 -12.35 7.66 -14.91
N THR A 365 -12.13 6.89 -13.85
CA THR A 365 -10.85 6.88 -13.14
C THR A 365 -10.55 5.43 -12.80
N SER A 366 -9.37 4.98 -13.20
CA SER A 366 -8.98 3.60 -12.95
C SER A 366 -7.46 3.54 -12.90
N ASN A 367 -6.94 2.32 -12.83
CA ASN A 367 -5.50 2.12 -12.73
C ASN A 367 -5.14 0.77 -13.33
N SER A 368 -3.87 0.65 -13.70
CA SER A 368 -3.20 -0.62 -13.89
C SER A 368 -2.07 -0.69 -12.87
N ILE A 369 -1.27 -1.75 -12.89
CA ILE A 369 -0.20 -1.91 -11.91
C ILE A 369 1.05 -2.44 -12.56
N VAL A 370 2.17 -2.23 -11.87
CA VAL A 370 3.45 -2.85 -12.20
C VAL A 370 4.09 -3.29 -10.89
N VAL A 371 4.79 -4.42 -10.91
CA VAL A 371 5.28 -5.09 -9.70
C VAL A 371 6.75 -5.42 -9.89
N PHE A 372 7.58 -5.06 -8.91
CA PHE A 372 8.99 -5.38 -8.90
C PHE A 372 9.33 -6.14 -7.62
N CYS A 373 10.31 -7.03 -7.72
CA CYS A 373 10.73 -7.83 -6.57
C CYS A 373 12.21 -7.58 -6.29
N GLY A 374 12.56 -7.63 -5.00
CA GLY A 374 13.96 -7.48 -4.63
C GLY A 374 14.81 -8.55 -5.29
N THR A 375 16.04 -8.17 -5.61
CA THR A 375 16.98 -9.10 -6.22
C THR A 375 18.35 -8.90 -5.60
N SER A 376 19.13 -10.00 -5.58
CA SER A 376 20.54 -9.95 -5.23
C SER A 376 21.44 -10.08 -6.45
N GLY A 377 20.87 -10.18 -7.64
CA GLY A 377 21.61 -10.18 -8.89
C GLY A 377 21.85 -8.80 -9.42
N THR A 378 21.94 -8.68 -10.75
CA THR A 378 22.13 -7.40 -11.40
C THR A 378 20.94 -7.10 -12.31
N TYR A 379 20.87 -5.85 -12.76
CA TYR A 379 19.74 -5.34 -13.50
C TYR A 379 20.17 -4.13 -14.31
N GLY A 380 19.37 -3.81 -15.32
CA GLY A 380 19.60 -2.65 -16.18
C GLY A 380 18.68 -1.49 -15.84
N THR A 381 18.16 -0.84 -16.88
CA THR A 381 17.26 0.29 -16.73
C THR A 381 16.04 0.08 -17.61
N GLY A 382 15.02 0.89 -17.36
CA GLY A 382 13.81 0.84 -18.15
C GLY A 382 12.77 1.77 -17.57
N SER A 383 11.59 1.70 -18.16
CA SER A 383 10.43 2.46 -17.68
C SER A 383 9.21 1.69 -18.13
N TRP A 384 8.29 1.44 -17.20
CA TRP A 384 7.14 0.56 -17.43
C TRP A 384 5.86 1.28 -17.04
N PRO A 385 5.44 2.26 -17.83
CA PRO A 385 4.25 3.03 -17.49
C PRO A 385 2.97 2.28 -17.85
N ASP A 386 1.84 2.95 -17.62
CA ASP A 386 0.54 2.37 -17.94
C ASP A 386 0.40 2.10 -19.43
N GLY A 387 0.73 3.10 -20.25
CA GLY A 387 0.78 2.93 -21.69
C GLY A 387 -0.53 3.00 -22.43
N ALA A 388 -1.63 3.31 -21.76
CA ALA A 388 -2.88 3.48 -22.48
C ALA A 388 -2.98 4.88 -23.07
N ASP A 389 -3.60 4.96 -24.26
CA ASP A 389 -3.81 6.23 -24.96
C ASP A 389 -5.25 6.65 -24.73
N LEU A 390 -5.44 7.57 -23.77
CA LEU A 390 -6.80 7.96 -23.39
C LEU A 390 -7.48 8.76 -24.49
N ASN A 391 -6.71 9.45 -25.34
CA ASN A 391 -7.31 10.18 -26.44
C ASN A 391 -7.99 9.24 -27.43
N LEU A 392 -7.52 8.01 -27.55
CA LEU A 392 -8.13 7.05 -28.46
C LEU A 392 -9.28 6.27 -27.84
N MET A 393 -9.53 6.42 -26.54
CA MET A 393 -10.56 5.64 -25.84
C MET A 393 -11.81 6.51 -25.70
N HIS A 394 -12.54 6.64 -26.81
CA HIS A 394 -13.72 7.48 -26.86
C HIS A 394 -14.91 6.75 -27.48
C1 NAG B . 5.70 18.30 -11.83
C2 NAG B . 6.62 19.06 -12.78
C3 NAG B . 6.00 20.42 -13.17
C4 NAG B . 4.54 20.31 -13.62
C5 NAG B . 3.76 19.45 -12.63
C6 NAG B . 2.36 19.13 -13.08
C7 NAG B . 9.02 18.66 -12.58
C8 NAG B . 10.25 18.96 -11.75
N2 NAG B . 7.89 19.23 -12.15
O3 NAG B . 6.81 20.96 -14.18
O4 NAG B . 4.00 21.61 -13.66
O5 NAG B . 4.42 18.22 -12.42
O6 NAG B . 1.68 18.41 -12.07
O7 NAG B . 9.07 17.95 -13.58
C1 NAG B . 3.62 21.99 -15.00
C2 NAG B . 2.39 22.91 -14.92
C3 NAG B . 2.13 23.69 -16.22
C4 NAG B . 3.40 24.25 -16.84
C5 NAG B . 4.45 23.13 -16.94
C6 NAG B . 5.77 23.59 -17.50
C7 NAG B . 0.50 22.33 -13.46
C8 NAG B . -0.72 21.45 -13.32
N2 NAG B . 1.20 22.17 -14.60
O3 NAG B . 1.22 24.72 -15.93
O4 NAG B . 3.06 24.77 -18.10
O5 NAG B . 4.70 22.63 -15.64
O6 NAG B . 6.47 24.29 -16.50
O7 NAG B . 0.83 23.12 -12.58
C1 NAG C . -8.85 18.57 10.71
C2 NAG C . -9.90 19.64 11.01
C3 NAG C . -9.42 20.99 10.46
C4 NAG C . -8.07 21.38 11.07
C5 NAG C . -7.10 20.20 10.95
C6 NAG C . -5.82 20.37 11.76
C7 NAG C . -12.27 19.06 11.31
C8 NAG C . -13.54 18.67 10.59
N2 NAG C . -11.20 19.27 10.52
O3 NAG C . -10.42 21.93 10.71
O4 NAG C . -7.59 22.51 10.37
O5 NAG C . -7.68 18.98 11.37
O6 NAG C . -4.71 20.08 10.95
O7 NAG C . -12.24 19.19 12.53
C1 NAG C . -7.20 23.59 11.25
C2 NAG C . -6.10 24.42 10.55
C3 NAG C . -5.79 25.71 11.32
C4 NAG C . -7.07 26.47 11.65
C5 NAG C . -8.02 25.52 12.40
C6 NAG C . -9.32 26.18 12.80
C7 NAG C . -4.26 23.40 9.23
C8 NAG C . -2.98 22.59 9.36
N2 NAG C . -4.88 23.66 10.40
O3 NAG C . -4.92 26.47 10.53
O4 NAG C . -6.72 27.58 12.45
O5 NAG C . -8.30 24.41 11.56
O6 NAG C . -10.10 26.44 11.65
O7 NAG C . -4.67 23.77 8.14
C1 NAG D . -21.62 11.61 -14.51
C2 NAG D . -22.97 11.93 -15.15
C3 NAG D . -23.44 13.37 -14.94
C4 NAG D . -23.26 13.80 -13.48
C5 NAG D . -21.86 13.39 -13.00
C6 NAG D . -21.56 13.73 -11.57
C7 NAG D . -23.66 10.75 -17.16
C8 NAG D . -23.26 10.45 -18.58
N2 NAG D . -22.80 11.55 -16.52
O3 NAG D . -24.78 13.42 -15.33
O4 NAG D . -23.44 15.21 -13.44
O5 NAG D . -21.67 12.00 -13.16
O6 NAG D . -20.28 14.34 -11.50
O7 NAG D . -24.69 10.31 -16.66
C1 NAG D . -24.64 15.61 -12.72
C2 NAG D . -24.45 17.06 -12.26
C3 NAG D . -25.74 17.65 -11.67
C4 NAG D . -26.92 17.38 -12.59
C5 NAG D . -26.98 15.87 -12.88
C6 NAG D . -28.14 15.47 -13.76
C7 NAG D . -22.10 17.54 -11.70
C8 NAG D . -21.10 17.59 -10.58
N2 NAG D . -23.35 17.17 -11.35
O3 NAG D . -25.53 19.03 -11.47
O4 NAG D . -28.09 17.85 -11.96
O5 NAG D . -25.78 15.49 -13.52
O6 NAG D . -27.82 15.74 -15.10
O7 NAG D . -21.77 17.83 -12.86
C1 NAG E . 14.38 24.20 -4.16
C2 NAG E . 14.83 25.12 -5.31
C3 NAG E . 15.28 26.50 -4.80
C4 NAG E . 14.28 27.12 -3.83
C5 NAG E . 13.97 26.05 -2.75
C6 NAG E . 13.05 26.47 -1.63
C7 NAG E . 15.65 23.83 -7.23
C8 NAG E . 16.89 23.23 -7.86
N2 NAG E . 15.87 24.48 -6.08
O3 NAG E . 15.48 27.32 -5.92
O4 NAG E . 14.89 28.28 -3.30
O5 NAG E . 13.44 24.91 -3.39
O6 NAG E . 11.87 27.05 -2.12
O7 NAG E . 14.55 23.71 -7.74
C1 NAG E . 13.99 29.41 -3.35
C2 NAG E . 14.39 30.45 -2.29
C3 NAG E . 13.51 31.70 -2.38
C4 NAG E . 13.38 32.20 -3.81
C5 NAG E . 13.02 31.04 -4.74
C6 NAG E . 12.91 31.43 -6.19
C7 NAG E . 15.31 29.23 -0.34
C8 NAG E . 15.00 28.74 1.05
N2 NAG E . 14.31 29.89 -0.96
O3 NAG E . 14.08 32.68 -1.54
O4 NAG E . 12.38 33.20 -3.80
O5 NAG E . 14.01 30.04 -4.61
O6 NAG E . 14.19 31.37 -6.79
O7 NAG E . 16.40 29.03 -0.86
C1 NAG F . -24.65 3.50 13.65
C2 NAG F . -25.80 4.38 14.15
C3 NAG F . -26.67 3.76 15.24
C4 NAG F . -26.96 2.29 14.99
C5 NAG F . -25.69 1.55 14.53
C6 NAG F . -25.94 0.10 14.13
C7 NAG F . -25.28 6.70 13.79
C8 NAG F . -24.66 7.95 14.37
N2 NAG F . -25.23 5.62 14.59
O3 NAG F . -27.88 4.48 15.25
O4 NAG F . -27.49 1.78 16.20
O5 NAG F . -25.14 2.21 13.41
O6 NAG F . -26.85 0.03 13.05
O7 NAG F . -25.78 6.66 12.68
C1 NAG F . -28.76 1.17 15.94
C2 NAG F . -29.12 0.31 17.15
C3 NAG F . -30.50 -0.31 16.93
C4 NAG F . -31.54 0.75 16.64
C5 NAG F . -31.05 1.58 15.46
C6 NAG F . -31.95 2.74 15.07
C7 NAG F . -27.22 -0.83 18.21
C8 NAG F . -26.40 -2.11 18.14
N2 NAG F . -28.19 -0.76 17.29
O3 NAG F . -30.78 -1.08 18.07
O4 NAG F . -32.72 0.02 16.34
O5 NAG F . -29.78 2.14 15.77
O6 NAG F . -32.26 3.47 16.22
O7 NAG F . -27.01 0.04 19.04
C1 BMA F . -33.88 0.63 16.97
C2 BMA F . -35.12 0.29 16.14
C3 BMA F . -36.33 0.97 16.78
C4 BMA F . -36.49 0.54 18.24
C5 BMA F . -35.18 0.65 19.02
C6 BMA F . -35.25 -0.04 20.37
O2 BMA F . -35.28 -1.11 16.09
O3 BMA F . -37.43 0.66 15.96
O4 BMA F . -37.46 1.39 18.82
O5 BMA F . -34.06 0.16 18.30
O6 BMA F . -34.12 0.35 21.13
C1 MAN F . -38.23 1.86 15.78
C2 MAN F . -39.55 1.50 15.08
C3 MAN F . -39.36 1.13 13.61
C4 MAN F . -38.58 2.23 12.89
C5 MAN F . -37.27 2.42 13.65
C6 MAN F . -36.37 3.50 13.08
O2 MAN F . -40.32 2.68 15.18
O3 MAN F . -40.63 0.89 13.06
O4 MAN F . -38.37 1.84 11.55
O5 MAN F . -37.53 2.78 14.99
O6 MAN F . -35.12 3.39 13.71
C1 MAN F . -41.58 2.42 15.84
C2 MAN F . -42.50 3.62 15.54
C3 MAN F . -41.87 4.85 16.20
C4 MAN F . -41.71 4.64 17.70
C5 MAN F . -40.93 3.35 17.98
C6 MAN F . -41.02 2.94 19.43
O2 MAN F . -43.79 3.31 16.02
O3 MAN F . -42.67 5.96 15.88
O4 MAN F . -41.04 5.77 18.19
O5 MAN F . -41.43 2.25 17.23
O6 MAN F . -42.21 2.20 19.61
C1 MAN F . -44.53 2.61 14.98
C2 MAN F . -46.03 2.91 15.14
C3 MAN F . -46.58 2.26 16.40
C4 MAN F . -46.28 0.77 16.41
C5 MAN F . -44.77 0.56 16.25
C6 MAN F . -44.40 -0.90 16.17
O2 MAN F . -46.67 2.43 13.98
O3 MAN F . -47.97 2.52 16.46
O4 MAN F . -46.75 0.24 17.63
O5 MAN F . -44.34 1.21 15.06
O6 MAN F . -43.03 -1.04 15.83
C1 MAN F . -34.39 1.55 21.89
C2 MAN F . -33.09 1.95 22.59
C3 MAN F . -32.70 0.94 23.67
C4 MAN F . -33.86 0.56 24.59
C5 MAN F . -35.16 0.31 23.80
C6 MAN F . -36.37 0.26 24.71
O2 MAN F . -33.24 3.25 23.11
O3 MAN F . -31.59 1.48 24.37
O4 MAN F . -33.48 -0.62 25.26
O5 MAN F . -35.39 1.35 22.86
O6 MAN F . -36.47 1.49 25.38
C1 MAN F . -30.40 0.69 24.08
C2 MAN F . -29.34 1.03 25.12
C3 MAN F . -28.87 2.48 24.97
C4 MAN F . -28.52 2.86 23.52
C5 MAN F . -29.55 2.31 22.52
C6 MAN F . -29.06 2.39 21.09
O2 MAN F . -28.30 0.10 24.95
O3 MAN F . -27.76 2.65 25.82
O4 MAN F . -28.49 4.28 23.49
O5 MAN F . -29.88 0.96 22.80
O6 MAN F . -30.15 2.59 20.23
C1 MAN F . -37.66 1.58 26.20
C2 MAN F . -37.81 3.04 26.60
C3 MAN F . -36.61 3.43 27.48
C4 MAN F . -36.45 2.49 28.67
C5 MAN F . -36.43 1.04 28.18
C6 MAN F . -36.45 0.02 29.30
O2 MAN F . -39.05 3.19 27.25
O3 MAN F . -36.77 4.78 27.86
O4 MAN F . -35.21 2.82 29.27
O5 MAN F . -37.55 0.77 27.34
O6 MAN F . -36.36 -1.26 28.72
CA CA G . 2.28 14.21 3.52
S SO4 H . -6.05 9.87 -2.85
O1 SO4 H . -7.35 9.35 -2.31
O2 SO4 H . -6.33 11.12 -3.63
O3 SO4 H . -5.11 10.17 -1.71
O4 SO4 H . -5.42 8.86 -3.78
C1 NAG I . 3.53 -19.75 18.46
C2 NAG I . 5.00 -19.81 18.93
C3 NAG I . 5.19 -21.11 19.70
C4 NAG I . 4.22 -21.13 20.90
C5 NAG I . 2.77 -20.92 20.39
C6 NAG I . 1.74 -20.83 21.49
C7 NAG I . 6.66 -18.60 17.53
C8 NAG I . 7.48 -18.69 16.27
N2 NAG I . 5.90 -19.69 17.80
O3 NAG I . 6.53 -21.26 20.09
O4 NAG I . 4.35 -22.34 21.60
O5 NAG I . 2.71 -19.74 19.61
O6 NAG I . 0.44 -20.86 20.93
O7 NAG I . 6.70 -17.60 18.23
S SO4 J . 15.15 11.39 -14.94
O1 SO4 J . 13.97 11.11 -15.83
O2 SO4 J . 15.70 12.74 -15.28
O3 SO4 J . 14.70 11.35 -13.51
O4 SO4 J . 16.21 10.35 -15.15
S SO4 K . 15.05 14.76 15.89
O1 SO4 K . 13.57 14.62 16.12
O2 SO4 K . 15.34 16.08 15.22
O3 SO4 K . 15.77 14.73 17.21
O4 SO4 K . 15.56 13.65 15.01
S SO4 L . 18.24 19.67 14.60
O1 SO4 L . 16.90 19.69 13.90
O2 SO4 L . 19.04 20.90 14.24
O3 SO4 L . 17.98 19.64 16.07
O4 SO4 L . 19.01 18.44 14.21
S SO4 M . -10.85 5.99 2.18
O1 SO4 M . -12.11 6.42 1.48
O2 SO4 M . -9.79 7.04 2.02
O3 SO4 M . -11.13 5.79 3.64
O4 SO4 M . -10.38 4.69 1.59
S SO4 N . 8.86 -20.13 8.96
O1 SO4 N . 7.43 -19.70 8.74
O2 SO4 N . 9.81 -19.01 8.59
O3 SO4 N . 9.05 -20.47 10.42
O4 SO4 N . 9.17 -21.33 8.13
S SO4 O . 15.55 -17.36 -1.19
O1 SO4 O . 14.48 -18.03 -2.00
O2 SO4 O . 15.68 -15.95 -1.68
O3 SO4 O . 15.14 -17.37 0.26
O4 SO4 O . 16.86 -18.07 -1.33
S SO4 P . 16.45 -12.80 -4.36
O1 SO4 P . 15.56 -12.34 -5.49
O2 SO4 P . 17.82 -13.14 -4.90
O3 SO4 P . 16.60 -11.69 -3.35
O4 SO4 P . 15.81 -14.02 -3.74
S SO4 Q . -11.01 -16.51 -0.09
O1 SO4 Q . -12.32 -15.93 0.37
O2 SO4 Q . -10.04 -15.38 -0.28
O3 SO4 Q . -10.46 -17.42 0.98
O4 SO4 Q . -11.20 -17.26 -1.38
S SO4 R . -6.74 9.10 3.37
O1 SO4 R . -7.67 8.79 2.22
O2 SO4 R . -6.03 10.39 3.08
O3 SO4 R . -7.56 9.23 4.63
O4 SO4 R . -5.72 8.01 3.51
S SO4 S . -2.91 22.49 13.62
O1 SO4 S . -4.29 23.03 13.34
O2 SO4 S . -1.91 23.62 13.68
O3 SO4 S . -2.95 21.77 14.93
O4 SO4 S . -2.50 21.57 12.50
#